data_7OXK
#
_entry.id   7OXK
#
_cell.length_a   109.365
_cell.length_b   109.365
_cell.length_c   93.641
_cell.angle_alpha   90.000
_cell.angle_beta   90.000
_cell.angle_gamma   120.000
#
_symmetry.space_group_name_H-M   'P 64 2 2'
#
loop_
_entity.id
_entity.type
_entity.pdbx_description
1 polymer 'Peptidyl-prolyl cis-trans isomerase'
2 polymer '30S ribosomal protein S2'
3 water water
#
loop_
_entity_poly.entity_id
_entity_poly.type
_entity_poly.pdbx_seq_one_letter_code
_entity_poly.pdbx_strand_id
1 'polypeptide(L)'
;MKVGQDKVVTIRYTLQVEGEVLDQGELSYLHGHRNLIPGLEEALEGREEGEAFQAHVPAEKAYGPHDPEGVQVVPLSAFP
EDAEVVPGAQFYAQDMEGNPMPLTVVAVEGEEVTVDFNHPLAGKDLDFQVEVVKVREATPEELLHGHAHPGHHHHHH
;
A
2 'polypeptide(L)' TRYKNAKMLPFAFGA B,C
#
# COMPACT_ATOMS: atom_id res chain seq x y z
N MET A 1 -15.78 11.70 20.30
CA MET A 1 -15.78 10.27 20.04
C MET A 1 -14.34 9.76 19.85
N LYS A 2 -14.08 8.51 20.23
CA LYS A 2 -12.75 7.94 20.20
C LYS A 2 -12.62 6.92 19.07
N VAL A 3 -11.41 6.79 18.56
CA VAL A 3 -11.12 5.84 17.49
C VAL A 3 -11.30 4.42 18.02
N GLY A 4 -12.17 3.67 17.37
CA GLY A 4 -12.39 2.29 17.76
C GLY A 4 -12.97 1.51 16.61
N GLN A 5 -13.42 0.29 16.92
CA GLN A 5 -13.93 -0.60 15.89
C GLN A 5 -15.16 0.00 15.22
N ASP A 6 -15.27 -0.25 13.90
CA ASP A 6 -16.40 0.16 13.07
C ASP A 6 -16.58 1.67 12.99
N LYS A 7 -15.55 2.44 13.37
CA LYS A 7 -15.58 3.89 13.23
C LYS A 7 -14.84 4.28 11.96
N VAL A 8 -15.50 5.10 11.13
CA VAL A 8 -14.80 5.74 10.03
C VAL A 8 -13.94 6.87 10.58
N VAL A 9 -12.64 6.77 10.35
CA VAL A 9 -11.67 7.71 10.89
C VAL A 9 -10.99 8.41 9.73
N THR A 10 -11.05 9.73 9.71
CA THR A 10 -10.26 10.52 8.78
C THR A 10 -9.13 11.20 9.54
N ILE A 11 -7.93 11.15 8.95
CA ILE A 11 -6.71 11.69 9.57
C ILE A 11 -5.83 12.31 8.49
N ARG A 12 -5.10 13.35 8.91
CA ARG A 12 -3.99 13.91 8.14
C ARG A 12 -2.69 13.27 8.60
N TYR A 13 -1.75 13.15 7.67
CA TYR A 13 -0.49 12.46 7.97
C TYR A 13 0.63 13.04 7.12
N THR A 14 1.85 12.83 7.61
CA THR A 14 3.07 13.00 6.82
C THR A 14 4.04 11.91 7.24
N LEU A 15 4.68 11.29 6.26
CA LEU A 15 5.46 10.07 6.47
C LEU A 15 6.95 10.37 6.35
N GLN A 16 7.69 9.99 7.40
CA GLN A 16 9.14 10.08 7.41
C GLN A 16 9.73 8.69 7.25
N VAL A 17 10.60 8.51 6.26
CA VAL A 17 11.40 7.31 6.11
C VAL A 17 12.86 7.75 6.01
N GLU A 18 13.70 7.29 6.94
CA GLU A 18 15.12 7.61 6.98
C GLU A 18 15.33 9.12 7.15
N GLY A 19 14.50 9.75 7.98
CA GLY A 19 14.56 11.18 8.20
C GLY A 19 14.08 12.03 7.05
N GLU A 20 13.88 11.46 5.87
CA GLU A 20 13.35 12.18 4.72
C GLU A 20 11.83 12.07 4.70
N VAL A 21 11.18 13.10 4.16
CA VAL A 21 9.73 13.09 3.96
C VAL A 21 9.46 12.53 2.57
N LEU A 22 8.52 11.59 2.47
CA LEU A 22 8.23 10.94 1.21
C LEU A 22 6.80 11.14 0.73
N ASP A 23 5.84 11.35 1.65
CA ASP A 23 4.51 11.75 1.25
C ASP A 23 3.81 12.41 2.43
N GLN A 24 2.82 13.24 2.12
CA GLN A 24 1.95 13.84 3.11
C GLN A 24 0.57 13.96 2.48
N GLY A 25 -0.46 13.73 3.28
CA GLY A 25 -1.80 13.74 2.74
C GLY A 25 -2.86 13.57 3.80
N GLU A 26 -4.04 13.15 3.34
CA GLU A 26 -5.24 13.09 4.17
C GLU A 26 -6.10 11.96 3.66
N LEU A 27 -6.59 11.12 4.57
CA LEU A 27 -7.37 9.97 4.13
C LEU A 27 -8.28 9.50 5.25
N SER A 28 -9.34 8.80 4.86
CA SER A 28 -10.32 8.23 5.77
C SER A 28 -10.41 6.72 5.52
N TYR A 29 -10.43 5.96 6.60
CA TYR A 29 -10.48 4.51 6.53
C TYR A 29 -11.49 3.99 7.53
N LEU A 30 -12.02 2.80 7.26
CA LEU A 30 -12.87 2.11 8.21
C LEU A 30 -12.00 1.36 9.20
N HIS A 31 -12.11 1.73 10.47
CA HIS A 31 -11.23 1.18 11.50
C HIS A 31 -11.64 -0.24 11.85
N GLY A 32 -10.67 -1.15 11.90
CA GLY A 32 -10.90 -2.49 12.36
C GLY A 32 -11.24 -3.51 11.29
N HIS A 33 -11.12 -3.15 10.01
CA HIS A 33 -11.43 -4.08 8.93
C HIS A 33 -10.22 -4.37 8.05
N ARG A 34 -9.01 -4.21 8.60
CA ARG A 34 -7.77 -4.46 7.88
C ARG A 34 -7.66 -3.60 6.63
N ASN A 35 -7.95 -2.30 6.80
CA ASN A 35 -7.76 -1.33 5.72
C ASN A 35 -6.53 -0.45 5.93
N LEU A 36 -6.01 -0.39 7.14
CA LEU A 36 -4.81 0.38 7.46
C LEU A 36 -3.71 -0.58 7.88
N ILE A 37 -2.46 -0.12 7.79
CA ILE A 37 -1.37 -1.00 8.20
C ILE A 37 -1.50 -1.29 9.69
N PRO A 38 -1.17 -2.51 10.14
CA PRO A 38 -1.39 -2.85 11.56
C PRO A 38 -0.83 -1.83 12.54
N GLY A 39 0.44 -1.47 12.42
CA GLY A 39 1.05 -0.57 13.39
C GLY A 39 0.31 0.74 13.54
N LEU A 40 -0.05 1.35 12.41
CA LEU A 40 -0.79 2.61 12.47
C LEU A 40 -2.15 2.42 13.13
N GLU A 41 -2.82 1.30 12.85
CA GLU A 41 -4.11 1.05 13.47
C GLU A 41 -3.98 0.89 14.98
N GLU A 42 -2.99 0.12 15.42
CA GLU A 42 -2.74 -0.02 16.86
C GLU A 42 -2.40 1.33 17.48
N ALA A 43 -1.71 2.19 16.75
CA ALA A 43 -1.37 3.51 17.27
C ALA A 43 -2.60 4.38 17.43
N LEU A 44 -3.53 4.33 16.47
CA LEU A 44 -4.70 5.19 16.49
C LEU A 44 -5.79 4.70 17.43
N GLU A 45 -5.72 3.45 17.90
CA GLU A 45 -6.77 2.91 18.74
C GLU A 45 -6.86 3.70 20.05
N GLY A 46 -8.07 4.11 20.39
CA GLY A 46 -8.31 4.86 21.60
C GLY A 46 -8.14 6.36 21.49
N ARG A 47 -7.53 6.84 20.42
CA ARG A 47 -7.34 8.28 20.24
C ARG A 47 -8.66 9.00 20.07
N GLU A 48 -8.67 10.29 20.39
CA GLU A 48 -9.85 11.12 20.32
C GLU A 48 -9.62 12.25 19.33
N GLU A 49 -10.70 12.67 18.67
CA GLU A 49 -10.68 13.78 17.72
C GLU A 49 -9.83 14.94 18.22
N GLY A 50 -8.95 15.44 17.35
CA GLY A 50 -8.09 16.56 17.65
C GLY A 50 -6.70 16.19 18.12
N GLU A 51 -6.50 14.96 18.57
CA GLU A 51 -5.19 14.54 19.05
C GLU A 51 -4.17 14.53 17.91
N ALA A 52 -2.90 14.57 18.29
CA ALA A 52 -1.81 14.51 17.34
C ALA A 52 -0.61 13.83 18.01
N PHE A 53 0.12 13.04 17.23
CA PHE A 53 1.22 12.27 17.80
C PHE A 53 2.14 11.78 16.70
N GLN A 54 3.37 11.46 17.11
CA GLN A 54 4.31 10.74 16.27
C GLN A 54 4.15 9.25 16.52
N ALA A 55 4.43 8.46 15.48
CA ALA A 55 4.26 7.02 15.56
C ALA A 55 5.33 6.33 14.72
N HIS A 56 6.07 5.41 15.35
CA HIS A 56 7.08 4.62 14.67
C HIS A 56 6.50 3.23 14.38
N VAL A 57 6.45 2.87 13.10
CA VAL A 57 5.89 1.59 12.68
C VAL A 57 6.97 0.77 11.98
N PRO A 58 7.47 -0.29 12.62
CA PRO A 58 8.45 -1.14 11.95
C PRO A 58 7.88 -1.81 10.71
N ALA A 59 8.79 -2.35 9.89
CA ALA A 59 8.37 -2.94 8.62
C ALA A 59 7.42 -4.12 8.84
N GLU A 60 7.65 -4.91 9.90
CA GLU A 60 6.79 -6.05 10.17
C GLU A 60 5.34 -5.60 10.34
N LYS A 61 5.13 -4.47 11.01
CA LYS A 61 3.79 -3.93 11.23
C LYS A 61 3.34 -2.99 10.12
N ALA A 62 4.06 -2.94 8.99
CA ALA A 62 3.72 -1.99 7.94
C ALA A 62 4.38 -2.46 6.64
N TYR A 63 3.60 -3.12 5.78
CA TYR A 63 3.96 -3.49 4.43
C TYR A 63 5.04 -4.57 4.37
N GLY A 64 5.50 -5.07 5.51
CA GLY A 64 6.28 -6.29 5.56
C GLY A 64 7.71 -6.15 5.10
N PRO A 65 8.46 -7.25 5.16
CA PRO A 65 9.85 -7.24 4.74
C PRO A 65 9.98 -7.36 3.23
N HIS A 66 11.20 -7.17 2.75
CA HIS A 66 11.51 -7.31 1.33
C HIS A 66 11.83 -8.77 1.02
N ASP A 67 11.09 -9.35 0.08
CA ASP A 67 11.29 -10.75 -0.29
C ASP A 67 12.24 -10.83 -1.47
N PRO A 68 13.38 -11.52 -1.35
CA PRO A 68 14.31 -11.61 -2.49
C PRO A 68 13.73 -12.35 -3.66
N GLU A 69 12.92 -13.38 -3.42
CA GLU A 69 12.24 -14.08 -4.50
C GLU A 69 11.10 -13.26 -5.12
N GLY A 70 10.91 -12.01 -4.71
CA GLY A 70 10.00 -11.10 -5.36
C GLY A 70 10.60 -10.35 -6.53
N VAL A 71 11.79 -10.77 -6.98
CA VAL A 71 12.49 -10.13 -8.07
C VAL A 71 12.82 -11.17 -9.13
N GLN A 72 12.32 -10.97 -10.35
CA GLN A 72 12.63 -11.85 -11.46
C GLN A 72 12.51 -11.07 -12.76
N VAL A 73 12.85 -11.74 -13.86
CA VAL A 73 12.97 -11.10 -15.17
C VAL A 73 11.85 -11.62 -16.08
N VAL A 74 11.21 -10.68 -16.77
CA VAL A 74 10.15 -10.97 -17.74
C VAL A 74 10.55 -10.30 -19.05
N PRO A 75 10.40 -10.97 -20.20
CA PRO A 75 10.77 -10.35 -21.47
C PRO A 75 9.91 -9.13 -21.76
N LEU A 76 10.50 -8.19 -22.51
CA LEU A 76 9.75 -7.00 -22.95
C LEU A 76 8.56 -7.38 -23.81
N SER A 77 8.57 -8.57 -24.41
CA SER A 77 7.46 -9.01 -25.24
C SER A 77 6.12 -8.94 -24.51
N ALA A 78 6.15 -9.00 -23.19
CA ALA A 78 4.94 -8.94 -22.38
C ALA A 78 4.48 -7.51 -22.09
N PHE A 79 5.26 -6.51 -22.42
CA PHE A 79 4.76 -5.19 -22.10
C PHE A 79 4.00 -4.61 -23.29
N PRO A 80 3.07 -3.69 -23.03
CA PRO A 80 2.36 -3.04 -24.14
C PRO A 80 3.34 -2.29 -25.03
N GLU A 81 3.28 -2.59 -26.33
CA GLU A 81 4.18 -1.96 -27.30
C GLU A 81 4.07 -0.44 -27.22
N ASP A 82 2.85 0.06 -27.04
CA ASP A 82 2.63 1.48 -26.80
C ASP A 82 3.34 1.99 -25.55
N ALA A 83 3.42 1.16 -24.50
CA ALA A 83 3.92 1.64 -23.21
C ALA A 83 5.44 1.54 -23.14
N GLU A 84 6.03 2.32 -22.26
CA GLU A 84 7.48 2.42 -22.16
C GLU A 84 7.95 1.85 -20.83
N VAL A 85 8.90 0.92 -20.89
CA VAL A 85 9.51 0.39 -19.68
C VAL A 85 10.68 1.31 -19.32
N VAL A 86 10.63 1.84 -18.10
CA VAL A 86 11.60 2.81 -17.63
C VAL A 86 11.67 2.65 -16.12
N PRO A 87 12.88 2.58 -15.54
CA PRO A 87 12.99 2.38 -14.09
C PRO A 87 12.12 3.35 -13.30
N GLY A 88 11.17 2.81 -12.54
CA GLY A 88 10.22 3.57 -11.76
C GLY A 88 8.79 3.39 -12.21
N ALA A 89 8.57 3.04 -13.48
CA ALA A 89 7.22 2.83 -13.98
C ALA A 89 6.60 1.60 -13.34
N GLN A 90 5.28 1.60 -13.24
CA GLN A 90 4.55 0.54 -12.56
C GLN A 90 3.49 -0.03 -13.49
N PHE A 91 3.40 -1.36 -13.53
CA PHE A 91 2.43 -2.06 -14.35
C PHE A 91 1.76 -3.15 -13.52
N TYR A 92 0.75 -3.76 -14.11
CA TYR A 92 0.05 -4.87 -13.50
C TYR A 92 0.34 -6.15 -14.28
N ALA A 93 0.54 -7.23 -13.55
CA ALA A 93 0.61 -8.57 -14.11
C ALA A 93 -0.56 -9.39 -13.58
N GLN A 94 -0.66 -10.62 -14.04
CA GLN A 94 -1.81 -11.46 -13.63
C GLN A 94 -1.32 -12.77 -13.04
N ASP A 95 -1.98 -13.25 -11.98
CA ASP A 95 -1.57 -14.53 -11.35
C ASP A 95 -2.22 -15.68 -12.11
N MET A 96 -1.92 -16.90 -11.71
CA MET A 96 -2.53 -18.08 -12.36
C MET A 96 -4.03 -18.00 -12.15
N GLU A 97 -4.46 -17.58 -10.97
CA GLU A 97 -5.91 -17.39 -10.71
C GLU A 97 -6.43 -16.29 -11.63
N GLY A 98 -5.55 -15.38 -12.05
CA GLY A 98 -5.97 -14.23 -12.87
C GLY A 98 -6.13 -13.00 -12.01
N ASN A 99 -5.98 -13.15 -10.70
CA ASN A 99 -6.01 -11.96 -9.82
C ASN A 99 -4.80 -11.12 -10.17
N PRO A 100 -4.88 -9.78 -10.09
CA PRO A 100 -3.77 -8.96 -10.48
C PRO A 100 -2.55 -9.00 -9.55
N MET A 101 -1.37 -8.66 -10.05
CA MET A 101 -0.11 -8.60 -9.32
C MET A 101 0.63 -7.33 -9.71
N PRO A 102 0.68 -6.32 -8.85
CA PRO A 102 1.39 -5.09 -9.17
C PRO A 102 2.89 -5.31 -9.21
N LEU A 103 3.58 -4.46 -9.95
CA LEU A 103 5.02 -4.58 -10.11
C LEU A 103 5.62 -3.20 -10.38
N THR A 104 6.91 -3.07 -10.07
CA THR A 104 7.68 -1.87 -10.36
C THR A 104 8.96 -2.29 -11.08
N VAL A 105 9.15 -1.80 -12.30
CA VAL A 105 10.34 -2.18 -13.06
C VAL A 105 11.57 -1.49 -12.46
N VAL A 106 12.62 -2.27 -12.24
CA VAL A 106 13.80 -1.74 -11.56
C VAL A 106 14.90 -1.39 -12.56
N ALA A 107 14.94 -2.17 -13.65
CA ALA A 107 15.95 -1.93 -14.69
C ALA A 107 15.59 -2.63 -16.00
N VAL A 108 16.02 -2.05 -17.12
CA VAL A 108 15.78 -2.66 -18.44
C VAL A 108 17.15 -2.95 -19.04
N GLU A 109 17.35 -4.18 -19.46
CA GLU A 109 18.64 -4.60 -20.05
C GLU A 109 18.29 -5.26 -21.37
N GLY A 110 17.93 -4.44 -22.34
CA GLY A 110 17.52 -4.96 -23.64
C GLY A 110 16.27 -5.79 -23.55
N GLU A 111 16.33 -6.99 -24.07
CA GLU A 111 15.12 -7.84 -24.10
C GLU A 111 14.69 -8.18 -22.68
N GLU A 112 15.59 -8.06 -21.72
CA GLU A 112 15.27 -8.51 -20.34
C GLU A 112 14.91 -7.32 -19.45
N VAL A 113 13.80 -7.44 -18.72
CA VAL A 113 13.34 -6.35 -17.84
C VAL A 113 13.28 -6.88 -16.42
N THR A 114 13.83 -6.14 -15.47
CA THR A 114 13.89 -6.63 -14.08
C THR A 114 12.83 -5.91 -13.29
N VAL A 115 12.03 -6.66 -12.55
CA VAL A 115 10.87 -6.04 -11.87
C VAL A 115 10.77 -6.51 -10.43
N ASP A 116 10.19 -5.69 -9.56
CA ASP A 116 9.98 -6.07 -8.14
C ASP A 116 8.50 -6.10 -7.80
N PHE A 117 8.03 -7.26 -7.36
CA PHE A 117 6.65 -7.40 -6.93
C PHE A 117 6.43 -6.96 -5.49
N ASN A 118 7.49 -6.67 -4.74
CA ASN A 118 7.34 -6.26 -3.36
C ASN A 118 6.69 -4.88 -3.29
N HIS A 119 6.10 -4.60 -2.13
CA HIS A 119 5.61 -3.25 -1.89
C HIS A 119 6.79 -2.28 -1.89
N PRO A 120 6.63 -1.08 -2.46
CA PRO A 120 7.74 -0.12 -2.50
C PRO A 120 8.35 0.19 -1.14
N LEU A 121 7.60 0.01 -0.04
CA LEU A 121 8.09 0.31 1.30
C LEU A 121 8.39 -0.96 2.10
N ALA A 122 8.69 -2.06 1.42
CA ALA A 122 9.05 -3.29 2.10
C ALA A 122 10.43 -3.16 2.73
N GLY A 123 10.58 -3.75 3.91
CA GLY A 123 11.82 -3.61 4.65
C GLY A 123 12.13 -2.21 5.14
N LYS A 124 11.19 -1.29 5.00
CA LYS A 124 11.40 0.10 5.38
C LYS A 124 10.55 0.41 6.62
N ASP A 125 11.21 0.94 7.64
CA ASP A 125 10.48 1.40 8.81
C ASP A 125 9.86 2.76 8.53
N LEU A 126 8.74 3.03 9.18
CA LEU A 126 7.93 4.21 8.89
C LEU A 126 7.86 5.12 10.11
N ASP A 127 7.87 6.43 9.86
CA ASP A 127 7.68 7.44 10.89
C ASP A 127 6.53 8.34 10.45
N PHE A 128 5.54 8.51 11.32
CA PHE A 128 4.33 9.24 11.01
C PHE A 128 4.13 10.39 11.98
N GLN A 129 3.83 11.58 11.45
CA GLN A 129 3.26 12.67 12.23
C GLN A 129 1.79 12.72 11.86
N VAL A 130 0.92 12.31 12.78
CA VAL A 130 -0.50 12.11 12.47
C VAL A 130 -1.35 12.94 13.42
N GLU A 131 -2.37 13.58 12.86
CA GLU A 131 -3.43 14.21 13.64
C GLU A 131 -4.77 13.62 13.20
N VAL A 132 -5.63 13.33 14.17
CA VAL A 132 -6.94 12.74 13.89
C VAL A 132 -7.93 13.87 13.66
N VAL A 133 -8.35 14.05 12.41
CA VAL A 133 -9.24 15.17 12.10
C VAL A 133 -10.70 14.82 12.39
N LYS A 134 -11.13 13.57 12.18
CA LYS A 134 -12.51 13.27 12.56
C LYS A 134 -12.72 11.78 12.77
N VAL A 135 -13.61 11.47 13.71
CA VAL A 135 -14.12 10.12 13.93
C VAL A 135 -15.64 10.17 13.82
N ARG A 136 -16.21 9.17 13.17
CA ARG A 136 -17.66 9.05 13.12
C ARG A 136 -18.01 7.58 13.07
N GLU A 137 -19.24 7.25 13.42
CA GLU A 137 -19.68 5.86 13.34
C GLU A 137 -20.04 5.53 11.90
N ALA A 138 -19.69 4.33 11.47
CA ALA A 138 -19.84 3.95 10.08
C ALA A 138 -21.31 3.75 9.72
N THR A 139 -21.60 3.92 8.49
CA THR A 139 -22.93 3.66 7.97
C THR A 139 -23.09 2.19 7.61
N PRO A 140 -24.32 1.67 7.65
CA PRO A 140 -24.54 0.27 7.27
C PRO A 140 -23.92 -0.14 5.95
N GLU A 141 -24.00 0.69 4.92
CA GLU A 141 -23.46 0.32 3.61
C GLU A 141 -21.94 0.21 3.65
N GLU A 142 -21.28 1.08 4.42
CA GLU A 142 -19.84 0.98 4.57
C GLU A 142 -19.45 -0.32 5.26
N LEU A 143 -20.23 -0.73 6.26
CA LEU A 143 -19.97 -1.99 6.93
C LEU A 143 -20.22 -3.17 6.00
N LEU A 144 -21.24 -3.07 5.15
CA LEU A 144 -21.53 -4.14 4.18
C LEU A 144 -20.44 -4.26 3.13
N HIS A 145 -19.77 -3.16 2.78
CA HIS A 145 -18.72 -3.22 1.78
C HIS A 145 -17.32 -3.36 2.39
N GLY A 146 -17.18 -3.10 3.69
CA GLY A 146 -15.90 -3.25 4.34
C GLY A 146 -14.96 -2.09 4.18
N HIS A 147 -15.40 -1.09 3.45
CA HIS A 147 -14.53 0.06 3.20
C HIS A 147 -15.36 1.31 3.38
N ALA A 148 -14.70 2.43 3.66
CA ALA A 148 -15.39 3.73 3.85
C ALA A 148 -15.81 4.26 2.50
N HIS A 149 -16.85 5.08 2.47
CA HIS A 149 -17.44 5.47 1.16
C HIS A 149 -16.54 6.26 0.23
N PRO A 150 -15.83 7.32 0.63
CA PRO A 150 -15.08 8.07 -0.35
C PRO A 150 -13.75 7.34 -0.61
N ARG B 2 0.56 -14.02 -0.66
CA ARG B 2 2.02 -13.99 -0.50
C ARG B 2 2.46 -12.75 0.26
N TYR B 3 2.34 -11.59 -0.39
CA TYR B 3 2.66 -10.30 0.22
C TYR B 3 1.39 -9.81 0.91
N LYS B 4 1.32 -10.06 2.22
CA LYS B 4 0.05 -9.99 2.95
C LYS B 4 -0.49 -8.56 3.01
N ASN B 5 0.36 -7.60 3.36
CA ASN B 5 -0.06 -6.23 3.63
C ASN B 5 -0.11 -5.37 2.38
N ALA B 6 -0.20 -5.99 1.20
CA ALA B 6 0.18 -5.30 -0.04
C ALA B 6 -0.72 -4.11 -0.34
N LYS B 7 -2.04 -4.26 -0.17
CA LYS B 7 -2.97 -3.26 -0.67
C LYS B 7 -3.57 -2.41 0.44
N MET B 8 -2.94 -2.36 1.61
CA MET B 8 -3.50 -1.60 2.72
C MET B 8 -3.09 -0.14 2.63
N LEU B 9 -3.99 0.73 3.09
CA LEU B 9 -3.68 2.14 3.23
C LEU B 9 -2.62 2.33 4.31
N PRO B 10 -1.95 3.50 4.35
CA PRO B 10 -2.10 4.76 3.59
C PRO B 10 -1.68 4.67 2.12
N PHE B 11 -0.71 3.83 1.81
CA PHE B 11 -0.14 3.75 0.46
C PHE B 11 -0.37 2.34 -0.08
N ALA B 12 -1.52 2.13 -0.70
CA ALA B 12 -1.85 0.83 -1.26
C ALA B 12 -1.13 0.64 -2.59
N PHE B 13 -0.70 -0.60 -2.84
CA PHE B 13 0.03 -0.95 -4.05
C PHE B 13 -0.93 -1.73 -4.96
N GLY B 14 -1.49 -1.03 -5.94
CA GLY B 14 -2.39 -1.65 -6.89
C GLY B 14 -3.85 -1.33 -6.62
N ALA B 15 -4.70 -1.96 -7.42
CA ALA B 15 -6.14 -1.79 -7.33
C ALA B 15 -6.84 -2.98 -7.96
N THR C 1 5.45 -13.50 -7.48
CA THR C 1 6.22 -14.72 -7.86
C THR C 1 6.07 -15.01 -9.35
N ARG C 2 5.87 -16.28 -9.72
CA ARG C 2 5.80 -16.66 -11.15
C ARG C 2 4.59 -15.98 -11.79
N TYR C 3 4.67 -15.66 -13.09
CA TYR C 3 3.59 -14.86 -13.73
C TYR C 3 2.91 -15.64 -14.84
N LYS C 4 1.61 -15.41 -15.02
CA LYS C 4 0.93 -16.04 -16.17
C LYS C 4 1.58 -15.44 -17.39
N ASN C 5 1.81 -16.24 -18.42
CA ASN C 5 2.39 -15.70 -19.68
C ASN C 5 1.34 -14.78 -20.31
N ALA C 6 1.22 -13.57 -19.76
CA ALA C 6 0.19 -12.63 -20.25
C ALA C 6 0.72 -11.20 -20.26
N LYS C 7 0.12 -10.35 -21.09
CA LYS C 7 0.59 -8.96 -21.23
C LYS C 7 0.41 -8.18 -19.94
N MET C 8 1.42 -7.37 -19.60
CA MET C 8 1.29 -6.48 -18.43
C MET C 8 0.42 -5.31 -18.88
N LEU C 9 -0.20 -4.61 -17.93
CA LEU C 9 -1.03 -3.44 -18.27
C LEU C 9 -0.61 -2.29 -17.36
N PRO C 10 -0.50 -1.05 -17.84
CA PRO C 10 -0.01 0.02 -17.01
C PRO C 10 -0.93 0.44 -15.88
N PHE C 11 -0.44 1.34 -15.03
CA PHE C 11 -1.25 1.84 -13.93
C PHE C 11 -2.25 2.89 -14.45
#